data_1EAC
#
_entry.id   1EAC
#
_cell.length_a   225.540
_cell.length_b   225.540
_cell.length_c   225.540
_cell.angle_alpha   90.00
_cell.angle_beta   90.00
_cell.angle_gamma   90.00
#
_symmetry.space_group_name_H-M   'F 4 3 2'
#
loop_
_entity.id
_entity.type
_entity.pdbx_description
1 polymer DIHYDROLIPOYL-TRANSACETYLASE
2 non-polymer 'OXIDIZED COENZYME A'
3 non-polymer 2,3-DIHYDROXY-1,4-DITHIOBUTANE
4 water water
#
_entity_poly.entity_id   1
_entity_poly.type   'polypeptide(L)'
_entity_poly.pdbx_seq_one_letter_code
;IPPIPPVDFAKYGEIEEVPMTRLMQIGATNLHRSWLNVPHVTQFESADITELEAFRVAQKAVAKKAGVKLTVLPLLLKAC
AYLLKELPDFNSSLAPSGQALIRKKYVHIGFAVDTPDGLLVPVIRNVDQKSLLQLAAEAAELAEKARSKKLGADAMQGAC
FTISSLGHIGGTAFTPIVNAPEVAILGVSKASMQPVWDGKAFQPRLMLPLSLSYDHRVINGAAAARFTKRLGDLLADIRA
ILL
;
_entity_poly.pdbx_strand_id   A
#
loop_
_chem_comp.id
_chem_comp.type
_chem_comp.name
_chem_comp.formula
CAO non-polymer 'OXIDIZED COENZYME A' 'C21 H36 N7 O17 P3 S'
DTT non-polymer 2,3-DIHYDROXY-1,4-DITHIOBUTANE 'C4 H10 O2 S2'
#
# COMPACT_ATOMS: atom_id res chain seq x y z
N ILE A 1 6.72 9.81 27.41
CA ILE A 1 7.93 9.37 26.74
C ILE A 1 8.87 10.56 26.98
N PRO A 2 10.15 10.33 27.26
CA PRO A 2 11.13 11.38 27.54
C PRO A 2 11.24 12.20 26.27
N PRO A 3 11.44 13.51 26.31
CA PRO A 3 11.69 14.31 25.13
C PRO A 3 13.16 14.29 24.78
N ILE A 4 13.37 14.72 23.54
CA ILE A 4 14.71 14.89 23.05
C ILE A 4 15.17 16.26 23.57
N PRO A 5 16.34 16.37 24.21
CA PRO A 5 17.04 17.61 24.47
C PRO A 5 17.27 18.54 23.27
N PRO A 6 16.98 19.85 23.41
CA PRO A 6 17.16 20.82 22.34
C PRO A 6 18.63 21.08 22.21
N VAL A 7 19.04 21.41 21.00
CA VAL A 7 20.45 21.65 20.81
C VAL A 7 20.47 23.00 20.13
N ASP A 8 21.44 23.82 20.49
CA ASP A 8 21.61 25.08 19.78
C ASP A 8 22.35 24.66 18.48
N PHE A 9 21.68 24.38 17.38
CA PHE A 9 22.34 23.85 16.20
C PHE A 9 23.24 24.84 15.52
N ALA A 10 23.00 26.10 15.80
CA ALA A 10 23.80 27.15 15.25
C ALA A 10 25.14 27.19 15.91
N LYS A 11 25.49 26.45 16.96
CA LYS A 11 26.85 26.49 17.48
C LYS A 11 27.80 25.85 16.48
N TYR A 12 27.25 24.97 15.60
CA TYR A 12 28.05 24.20 14.67
C TYR A 12 28.17 24.79 13.30
N GLY A 13 27.36 25.81 12.98
CA GLY A 13 27.38 26.46 11.70
C GLY A 13 26.06 27.15 11.47
N GLU A 14 25.82 27.64 10.27
CA GLU A 14 24.65 28.39 9.87
C GLU A 14 23.45 27.52 9.79
N ILE A 15 22.29 27.96 10.23
CA ILE A 15 21.10 27.15 10.16
C ILE A 15 20.05 28.08 9.57
N GLU A 16 18.92 27.53 9.18
CA GLU A 16 17.84 28.27 8.58
C GLU A 16 16.57 27.60 9.02
N GLU A 17 15.51 28.28 9.40
CA GLU A 17 14.26 27.64 9.80
C GLU A 17 13.25 27.71 8.68
N VAL A 18 12.69 26.59 8.29
CA VAL A 18 11.65 26.56 7.31
C VAL A 18 10.54 25.92 8.09
N PRO A 19 9.31 26.33 7.91
CA PRO A 19 8.19 25.82 8.68
C PRO A 19 7.49 24.67 8.00
N MET A 20 6.84 23.83 8.82
CA MET A 20 6.11 22.69 8.27
C MET A 20 4.70 23.07 7.84
N THR A 21 4.12 22.48 6.77
CA THR A 21 2.73 22.77 6.43
C THR A 21 1.85 22.09 7.50
N ARG A 22 0.65 22.58 7.73
CA ARG A 22 -0.29 21.89 8.60
C ARG A 22 -0.54 20.43 8.18
N LEU A 23 -0.44 20.09 6.87
CA LEU A 23 -0.61 18.74 6.38
C LEU A 23 0.46 17.85 6.96
N MET A 24 1.70 18.35 6.98
CA MET A 24 2.83 17.65 7.56
C MET A 24 2.69 17.55 9.05
N GLN A 25 2.10 18.51 9.72
CA GLN A 25 2.00 18.39 11.15
C GLN A 25 0.92 17.42 11.51
N ILE A 26 -0.16 17.36 10.72
CA ILE A 26 -1.21 16.39 10.91
C ILE A 26 -0.51 15.05 10.70
N GLY A 27 0.19 14.91 9.56
CA GLY A 27 0.90 13.71 9.20
C GLY A 27 1.84 13.26 10.29
N ALA A 28 2.65 14.15 10.82
CA ALA A 28 3.58 13.82 11.88
C ALA A 28 2.87 13.24 13.08
N THR A 29 1.78 13.85 13.55
CA THR A 29 1.01 13.38 14.70
C THR A 29 0.42 11.98 14.58
N ASN A 30 -0.16 11.74 13.42
CA ASN A 30 -0.76 10.46 13.18
C ASN A 30 0.27 9.38 13.13
N LEU A 31 1.47 9.60 12.56
CA LEU A 31 2.44 8.52 12.48
C LEU A 31 2.97 8.14 13.84
N HIS A 32 3.17 9.15 14.66
CA HIS A 32 3.67 8.93 15.97
C HIS A 32 2.62 8.20 16.77
N ARG A 33 1.33 8.54 16.64
CA ARG A 33 0.26 7.84 17.31
C ARG A 33 0.25 6.35 16.92
N SER A 34 0.34 6.01 15.62
CA SER A 34 0.45 4.62 15.18
C SER A 34 1.69 3.96 15.67
N TRP A 35 2.85 4.62 15.64
CA TRP A 35 4.10 4.04 16.04
C TRP A 35 4.04 3.52 17.47
N LEU A 36 3.41 4.30 18.34
CA LEU A 36 3.35 4.00 19.75
C LEU A 36 2.22 3.05 20.07
N ASN A 37 1.17 2.94 19.27
CA ASN A 37 0.11 2.01 19.56
C ASN A 37 0.17 0.64 18.92
N VAL A 38 0.85 0.52 17.78
CA VAL A 38 0.84 -0.71 17.02
C VAL A 38 2.16 -1.45 17.17
N PRO A 39 2.30 -2.63 17.80
CA PRO A 39 3.55 -3.38 17.72
C PRO A 39 3.67 -3.95 16.30
N HIS A 40 4.56 -3.30 15.53
CA HIS A 40 4.80 -3.49 14.08
C HIS A 40 5.67 -4.63 13.69
N VAL A 41 5.28 -5.44 12.69
CA VAL A 41 6.19 -6.42 12.13
C VAL A 41 6.15 -6.25 10.62
N THR A 42 7.19 -6.47 9.83
CA THR A 42 7.09 -6.43 8.39
C THR A 42 7.42 -7.81 7.85
N GLN A 43 6.63 -8.30 6.92
CA GLN A 43 6.84 -9.59 6.30
C GLN A 43 7.21 -9.29 4.85
N PHE A 44 8.37 -9.72 4.41
CA PHE A 44 8.78 -9.44 3.06
C PHE A 44 8.48 -10.64 2.17
N GLU A 45 8.21 -10.47 0.88
CA GLU A 45 7.95 -11.53 -0.07
C GLU A 45 8.27 -11.02 -1.49
N SER A 46 8.51 -11.79 -2.57
CA SER A 46 8.66 -11.24 -3.93
C SER A 46 7.66 -11.95 -4.81
N ALA A 47 6.94 -11.27 -5.67
CA ALA A 47 6.04 -11.98 -6.51
C ALA A 47 6.60 -11.98 -7.91
N ASP A 48 6.29 -13.01 -8.70
CA ASP A 48 6.76 -13.15 -10.05
C ASP A 48 5.78 -12.43 -10.91
N ILE A 49 6.04 -11.23 -11.36
CA ILE A 49 5.05 -10.60 -12.17
C ILE A 49 5.42 -10.70 -13.66
N THR A 50 6.25 -11.63 -14.18
CA THR A 50 6.58 -11.67 -15.60
C THR A 50 5.38 -11.70 -16.52
N GLU A 51 4.42 -12.57 -16.24
CA GLU A 51 3.21 -12.64 -17.05
C GLU A 51 2.27 -11.49 -16.82
N LEU A 52 2.15 -10.98 -15.58
CA LEU A 52 1.28 -9.86 -15.30
C LEU A 52 1.77 -8.69 -16.10
N GLU A 53 3.07 -8.55 -16.19
CA GLU A 53 3.64 -7.46 -16.92
C GLU A 53 3.37 -7.54 -18.39
N ALA A 54 3.63 -8.67 -19.01
CA ALA A 54 3.28 -8.84 -20.39
C ALA A 54 1.77 -8.60 -20.57
N PHE A 55 0.84 -8.96 -19.69
CA PHE A 55 -0.55 -8.63 -19.89
C PHE A 55 -0.75 -7.12 -19.89
N ARG A 56 -0.18 -6.41 -18.93
CA ARG A 56 -0.37 -4.97 -18.73
C ARG A 56 -0.08 -4.18 -19.99
N VAL A 57 1.05 -4.56 -20.54
CA VAL A 57 1.63 -4.04 -21.76
C VAL A 57 0.79 -4.42 -23.00
N ALA A 58 0.26 -5.62 -23.16
CA ALA A 58 -0.61 -5.89 -24.29
C ALA A 58 -1.93 -5.13 -24.14
N GLN A 59 -2.49 -4.81 -22.97
CA GLN A 59 -3.71 -4.07 -22.94
C GLN A 59 -3.51 -2.60 -23.04
N LYS A 60 -2.35 -2.13 -23.48
CA LYS A 60 -2.07 -0.69 -23.65
C LYS A 60 -3.01 0.05 -24.62
N ALA A 61 -3.41 -0.63 -25.70
CA ALA A 61 -4.35 -0.08 -26.68
C ALA A 61 -5.76 0.11 -26.13
N VAL A 62 -6.23 -0.93 -25.44
CA VAL A 62 -7.54 -0.92 -24.82
C VAL A 62 -7.58 0.20 -23.80
N ALA A 63 -6.62 0.21 -22.89
CA ALA A 63 -6.53 1.30 -21.95
C ALA A 63 -6.46 2.67 -22.63
N LYS A 64 -5.57 2.88 -23.62
CA LYS A 64 -5.48 4.16 -24.31
C LYS A 64 -6.81 4.51 -24.93
N LYS A 65 -7.49 3.55 -25.55
CA LYS A 65 -8.79 3.79 -26.17
C LYS A 65 -9.78 4.17 -25.09
N ALA A 66 -9.65 3.63 -23.86
CA ALA A 66 -10.54 4.04 -22.78
C ALA A 66 -10.07 5.33 -22.12
N GLY A 67 -8.98 5.98 -22.52
CA GLY A 67 -8.50 7.19 -21.88
C GLY A 67 -7.70 6.96 -20.58
N VAL A 68 -7.56 5.72 -20.06
CA VAL A 68 -6.85 5.47 -18.80
C VAL A 68 -5.46 4.99 -19.11
N LYS A 69 -4.53 5.01 -18.15
CA LYS A 69 -3.24 4.36 -18.37
C LYS A 69 -3.26 3.22 -17.34
N LEU A 70 -3.04 2.00 -17.80
CA LEU A 70 -3.10 0.83 -16.90
C LEU A 70 -1.73 0.59 -16.29
N THR A 71 -1.53 1.04 -15.07
CA THR A 71 -0.27 0.82 -14.34
C THR A 71 -0.33 -0.43 -13.50
N VAL A 72 0.55 -0.66 -12.53
CA VAL A 72 0.50 -1.88 -11.72
C VAL A 72 -0.48 -1.80 -10.54
N LEU A 73 -0.82 -0.56 -10.16
CA LEU A 73 -1.65 -0.27 -9.00
C LEU A 73 -3.05 -0.87 -9.11
N PRO A 74 -3.91 -0.71 -10.16
CA PRO A 74 -5.15 -1.47 -10.31
C PRO A 74 -5.00 -2.97 -10.19
N LEU A 75 -3.89 -3.58 -10.61
CA LEU A 75 -3.74 -5.02 -10.53
C LEU A 75 -3.49 -5.39 -9.09
N LEU A 76 -2.74 -4.56 -8.35
CA LEU A 76 -2.48 -4.75 -6.94
C LEU A 76 -3.76 -4.57 -6.16
N LEU A 77 -4.56 -3.56 -6.46
CA LEU A 77 -5.82 -3.29 -5.80
C LEU A 77 -6.86 -4.38 -5.99
N LYS A 78 -7.06 -4.89 -7.19
CA LYS A 78 -7.93 -6.04 -7.41
C LYS A 78 -7.55 -7.28 -6.60
N ALA A 79 -6.25 -7.66 -6.63
CA ALA A 79 -5.74 -8.79 -5.88
C ALA A 79 -5.84 -8.58 -4.37
N CYS A 80 -5.43 -7.44 -3.79
CA CYS A 80 -5.59 -7.26 -2.37
C CYS A 80 -7.07 -7.27 -2.03
N ALA A 81 -7.97 -6.83 -2.90
CA ALA A 81 -9.40 -6.87 -2.59
C ALA A 81 -9.87 -8.30 -2.49
N TYR A 82 -9.45 -9.14 -3.42
CA TYR A 82 -9.87 -10.53 -3.35
C TYR A 82 -9.38 -11.20 -2.08
N LEU A 83 -8.16 -10.87 -1.70
CA LEU A 83 -7.56 -11.46 -0.53
C LEU A 83 -8.11 -10.94 0.75
N LEU A 84 -8.54 -9.70 0.81
CA LEU A 84 -9.08 -9.10 2.01
C LEU A 84 -10.40 -9.77 2.30
N LYS A 85 -11.01 -10.38 1.29
CA LYS A 85 -12.21 -11.17 1.48
C LYS A 85 -11.91 -12.64 1.77
N GLU A 86 -10.80 -13.23 1.31
CA GLU A 86 -10.47 -14.63 1.65
C GLU A 86 -9.96 -14.71 3.11
N LEU A 87 -9.20 -13.71 3.56
CA LEU A 87 -8.57 -13.62 4.87
C LEU A 87 -9.13 -12.43 5.66
N PRO A 88 -10.32 -12.50 6.25
CA PRO A 88 -11.03 -11.38 6.84
C PRO A 88 -10.37 -10.69 7.97
N ASP A 89 -9.48 -11.32 8.74
CA ASP A 89 -8.79 -10.58 9.78
C ASP A 89 -7.96 -9.41 9.32
N PHE A 90 -7.56 -9.41 8.05
CA PHE A 90 -6.80 -8.31 7.48
C PHE A 90 -7.72 -7.16 7.14
N ASN A 91 -9.03 -7.42 7.09
CA ASN A 91 -9.99 -6.41 6.73
C ASN A 91 -10.74 -6.11 8.01
N SER A 92 -10.14 -5.75 9.15
CA SER A 92 -10.88 -5.58 10.37
C SER A 92 -10.18 -4.54 11.22
N SER A 93 -10.72 -4.08 12.34
CA SER A 93 -9.99 -3.18 13.19
C SER A 93 -10.27 -3.62 14.61
N LEU A 94 -9.29 -3.40 15.47
CA LEU A 94 -9.46 -3.64 16.88
C LEU A 94 -10.43 -2.59 17.47
N ALA A 95 -11.47 -3.14 18.09
CA ALA A 95 -12.49 -2.40 18.81
C ALA A 95 -11.80 -1.63 19.93
N PRO A 96 -12.24 -0.50 20.46
CA PRO A 96 -11.54 0.20 21.55
C PRO A 96 -11.62 -0.58 22.88
N SER A 97 -12.51 -1.55 23.14
CA SER A 97 -12.38 -2.37 24.33
C SER A 97 -11.09 -3.21 24.24
N GLY A 98 -10.41 -3.34 23.09
CA GLY A 98 -9.23 -4.17 22.97
C GLY A 98 -9.61 -5.62 23.18
N GLN A 99 -10.90 -5.94 23.26
CA GLN A 99 -11.29 -7.32 23.46
C GLN A 99 -12.07 -7.83 22.26
N ALA A 100 -12.07 -7.12 21.14
CA ALA A 100 -12.82 -7.56 19.99
C ALA A 100 -12.28 -6.93 18.73
N LEU A 101 -12.55 -7.60 17.63
CA LEU A 101 -12.24 -7.14 16.32
C LEU A 101 -13.56 -6.77 15.71
N ILE A 102 -13.53 -5.77 14.87
CA ILE A 102 -14.69 -5.36 14.15
C ILE A 102 -14.32 -5.75 12.73
N ARG A 103 -14.94 -6.77 12.19
CA ARG A 103 -14.70 -7.18 10.82
C ARG A 103 -15.60 -6.42 9.92
N LYS A 104 -15.01 -5.84 8.92
CA LYS A 104 -15.71 -5.00 7.99
C LYS A 104 -16.22 -5.87 6.85
N LYS A 105 -17.46 -5.77 6.41
CA LYS A 105 -17.90 -6.59 5.30
C LYS A 105 -17.72 -5.83 3.98
N TYR A 106 -17.04 -4.69 3.94
CA TYR A 106 -16.87 -3.87 2.75
C TYR A 106 -15.43 -3.85 2.38
N VAL A 107 -14.96 -3.49 1.19
CA VAL A 107 -13.52 -3.44 0.93
C VAL A 107 -13.24 -2.09 0.30
N HIS A 108 -12.70 -1.11 1.03
CA HIS A 108 -12.36 0.18 0.45
C HIS A 108 -10.87 0.24 0.74
N ILE A 109 -10.04 0.63 -0.21
CA ILE A 109 -8.60 0.55 -0.02
C ILE A 109 -8.03 1.92 -0.29
N GLY A 110 -7.10 2.38 0.52
CA GLY A 110 -6.51 3.70 0.29
C GLY A 110 -5.15 3.59 -0.39
N PHE A 111 -4.58 4.62 -1.00
CA PHE A 111 -3.28 4.43 -1.54
C PHE A 111 -2.50 5.72 -1.36
N ALA A 112 -1.22 5.63 -1.03
CA ALA A 112 -0.51 6.82 -0.61
C ALA A 112 -0.11 7.75 -1.72
N VAL A 113 -0.41 9.03 -1.69
CA VAL A 113 0.07 9.85 -2.78
C VAL A 113 1.01 10.83 -2.14
N ASP A 114 2.24 11.05 -2.58
CA ASP A 114 3.06 12.07 -1.92
C ASP A 114 2.91 13.36 -2.72
N THR A 115 2.40 14.43 -2.08
CA THR A 115 2.16 15.71 -2.70
C THR A 115 3.10 16.73 -2.05
N PRO A 116 3.29 17.92 -2.63
CA PRO A 116 4.29 18.90 -2.13
C PRO A 116 4.00 19.39 -0.72
N ASP A 117 2.71 19.46 -0.46
CA ASP A 117 2.22 19.84 0.82
C ASP A 117 2.36 18.77 1.85
N GLY A 118 2.51 17.51 1.44
CA GLY A 118 2.64 16.37 2.32
C GLY A 118 1.88 15.18 1.77
N LEU A 119 1.80 14.13 2.58
CA LEU A 119 1.16 12.86 2.27
C LEU A 119 -0.37 12.80 2.31
N LEU A 120 -1.06 12.31 1.29
CA LEU A 120 -2.51 12.18 1.30
C LEU A 120 -2.89 10.76 0.99
N VAL A 121 -3.98 10.18 1.48
CA VAL A 121 -4.23 8.79 1.15
C VAL A 121 -5.69 8.66 0.78
N PRO A 122 -5.99 9.04 -0.44
CA PRO A 122 -7.32 8.92 -1.02
C PRO A 122 -7.78 7.48 -0.92
N VAL A 123 -9.07 7.24 -0.94
CA VAL A 123 -9.65 5.92 -0.73
C VAL A 123 -10.52 5.52 -1.91
N ILE A 124 -10.43 4.31 -2.46
CA ILE A 124 -11.32 3.83 -3.47
C ILE A 124 -12.30 2.88 -2.75
N ARG A 125 -13.58 3.09 -2.94
CA ARG A 125 -14.62 2.34 -2.25
C ARG A 125 -15.01 1.16 -3.09
N ASN A 126 -15.25 0.03 -2.44
CA ASN A 126 -15.73 -1.20 -3.04
C ASN A 126 -14.85 -1.60 -4.22
N VAL A 127 -13.57 -1.73 -3.87
CA VAL A 127 -12.53 -2.07 -4.83
C VAL A 127 -12.90 -3.45 -5.36
N ASP A 128 -13.46 -4.30 -4.52
CA ASP A 128 -13.88 -5.63 -4.89
C ASP A 128 -14.90 -5.64 -6.00
N GLN A 129 -15.58 -4.54 -6.27
CA GLN A 129 -16.59 -4.54 -7.30
C GLN A 129 -16.17 -3.76 -8.51
N LYS A 130 -14.98 -3.18 -8.65
CA LYS A 130 -14.74 -2.37 -9.82
C LYS A 130 -13.79 -3.14 -10.72
N SER A 131 -13.58 -2.73 -11.97
CA SER A 131 -12.77 -3.51 -12.89
C SER A 131 -11.43 -2.84 -13.09
N LEU A 132 -10.47 -3.45 -13.81
CA LEU A 132 -9.14 -2.90 -13.84
C LEU A 132 -9.15 -1.54 -14.46
N LEU A 133 -9.98 -1.33 -15.50
CA LEU A 133 -9.99 0.00 -16.11
C LEU A 133 -10.82 0.96 -15.26
N GLN A 134 -11.83 0.51 -14.50
CA GLN A 134 -12.52 1.45 -13.62
C GLN A 134 -11.53 1.85 -12.55
N LEU A 135 -10.86 0.91 -11.89
CA LEU A 135 -9.89 1.24 -10.88
C LEU A 135 -8.79 2.10 -11.51
N ALA A 136 -8.30 1.87 -12.71
CA ALA A 136 -7.23 2.69 -13.30
C ALA A 136 -7.56 4.15 -13.42
N ALA A 137 -8.79 4.38 -13.86
CA ALA A 137 -9.31 5.71 -14.02
C ALA A 137 -9.53 6.44 -12.70
N GLU A 138 -10.18 5.78 -11.75
CA GLU A 138 -10.45 6.40 -10.47
C GLU A 138 -9.19 6.73 -9.68
N ALA A 139 -8.23 5.81 -9.74
CA ALA A 139 -6.96 5.96 -9.06
C ALA A 139 -6.38 7.26 -9.60
N ALA A 140 -6.27 7.40 -10.92
CA ALA A 140 -5.69 8.58 -11.53
C ALA A 140 -6.40 9.90 -11.19
N GLU A 141 -7.72 9.92 -11.06
CA GLU A 141 -8.53 11.09 -10.71
C GLU A 141 -8.20 11.49 -9.28
N LEU A 142 -8.31 10.55 -8.34
CA LEU A 142 -8.05 10.84 -6.95
C LEU A 142 -6.63 11.38 -6.78
N ALA A 143 -5.64 10.83 -7.49
CA ALA A 143 -4.29 11.32 -7.34
C ALA A 143 -4.16 12.69 -7.93
N GLU A 144 -4.79 13.00 -9.07
CA GLU A 144 -4.72 14.34 -9.63
C GLU A 144 -5.39 15.29 -8.66
N LYS A 145 -6.57 15.00 -8.13
CA LYS A 145 -7.19 15.91 -7.18
C LYS A 145 -6.34 16.13 -5.96
N ALA A 146 -5.70 15.07 -5.49
CA ALA A 146 -4.81 15.05 -4.34
C ALA A 146 -3.65 16.01 -4.55
N ARG A 147 -3.05 15.98 -5.73
CA ARG A 147 -1.96 16.87 -6.01
C ARG A 147 -2.36 18.31 -6.13
N SER A 148 -3.61 18.53 -6.48
CA SER A 148 -4.10 19.87 -6.71
C SER A 148 -4.82 20.42 -5.50
N LYS A 149 -4.64 19.79 -4.34
CA LYS A 149 -5.31 20.15 -3.12
C LYS A 149 -6.83 20.22 -3.28
N LYS A 150 -7.37 19.63 -4.35
CA LYS A 150 -8.78 19.66 -4.60
C LYS A 150 -9.45 18.38 -4.10
N LEU A 151 -8.83 17.62 -3.19
CA LEU A 151 -9.39 16.36 -2.72
C LEU A 151 -10.18 16.70 -1.49
N GLY A 152 -11.40 16.20 -1.32
CA GLY A 152 -12.13 16.56 -0.11
C GLY A 152 -12.21 15.45 0.91
N ALA A 153 -11.96 15.69 2.22
CA ALA A 153 -11.98 14.72 3.33
C ALA A 153 -12.90 13.51 3.28
N ASP A 154 -14.04 13.69 2.65
CA ASP A 154 -14.94 12.62 2.33
C ASP A 154 -14.16 11.45 1.73
N ALA A 155 -13.28 11.70 0.76
CA ALA A 155 -12.50 10.66 0.11
C ALA A 155 -11.25 10.19 0.82
N MET A 156 -11.05 10.57 2.07
CA MET A 156 -9.90 10.15 2.84
C MET A 156 -10.43 9.46 4.06
N GLN A 157 -11.56 8.79 3.98
CA GLN A 157 -12.15 8.23 5.16
C GLN A 157 -12.58 6.82 4.94
N GLY A 158 -12.56 6.05 5.99
CA GLY A 158 -13.10 4.70 6.00
C GLY A 158 -12.44 3.65 5.16
N ALA A 159 -11.13 3.72 4.99
CA ALA A 159 -10.36 2.70 4.28
C ALA A 159 -10.22 1.52 5.21
N CYS A 160 -10.04 0.34 4.62
CA CYS A 160 -9.76 -0.88 5.34
C CYS A 160 -8.33 -1.29 5.37
N PHE A 161 -7.53 -0.89 4.36
CA PHE A 161 -6.18 -1.37 4.15
C PHE A 161 -5.49 -0.30 3.29
N THR A 162 -4.17 -0.10 3.29
CA THR A 162 -3.47 0.90 2.48
C THR A 162 -2.44 0.28 1.57
N ILE A 163 -2.27 0.70 0.31
CA ILE A 163 -1.16 0.27 -0.50
C ILE A 163 -0.22 1.46 -0.59
N SER A 164 1.08 1.31 -0.41
CA SER A 164 1.99 2.41 -0.51
C SER A 164 3.04 1.96 -1.49
N SER A 165 3.07 2.51 -2.70
CA SER A 165 3.95 2.05 -3.75
C SER A 165 5.06 3.02 -4.03
N LEU A 166 6.31 2.60 -3.95
CA LEU A 166 7.42 3.45 -4.31
C LEU A 166 8.11 2.86 -5.51
N GLY A 167 7.55 1.81 -6.12
CA GLY A 167 8.16 1.17 -7.27
C GLY A 167 8.60 2.15 -8.36
N HIS A 168 7.81 3.20 -8.58
CA HIS A 168 8.15 4.24 -9.54
C HIS A 168 9.41 5.03 -9.20
N ILE A 169 10.04 4.88 -8.02
CA ILE A 169 11.23 5.62 -7.65
C ILE A 169 12.32 4.61 -7.41
N GLY A 170 12.21 3.57 -6.59
CA GLY A 170 13.35 2.70 -6.50
C GLY A 170 13.40 1.99 -5.19
N GLY A 171 14.51 1.33 -4.93
CA GLY A 171 14.60 0.63 -3.68
C GLY A 171 14.17 -0.80 -3.85
N THR A 172 14.57 -1.49 -2.83
CA THR A 172 14.47 -2.93 -2.73
C THR A 172 13.40 -3.39 -1.76
N ALA A 173 12.95 -2.62 -0.77
CA ALA A 173 11.99 -3.04 0.24
C ALA A 173 12.02 -1.88 1.25
N PHE A 174 11.03 -1.76 2.13
CA PHE A 174 11.04 -0.79 3.17
C PHE A 174 10.04 -1.30 4.20
N THR A 175 9.95 -0.63 5.33
CA THR A 175 9.06 -1.15 6.34
C THR A 175 7.96 -0.14 6.59
N PRO A 176 6.82 -0.10 5.90
CA PRO A 176 5.86 1.00 6.04
C PRO A 176 5.26 1.04 7.42
N ILE A 177 4.69 2.13 7.83
CA ILE A 177 4.00 2.19 9.11
C ILE A 177 2.49 2.02 8.85
N VAL A 178 1.88 1.17 9.67
CA VAL A 178 0.46 0.87 9.65
C VAL A 178 -0.25 2.13 9.96
N ASN A 179 -1.25 2.30 9.16
CA ASN A 179 -2.13 3.44 9.22
C ASN A 179 -3.32 3.15 10.16
N ALA A 180 -3.07 3.16 11.46
CA ALA A 180 -4.09 2.83 12.43
C ALA A 180 -5.33 3.71 12.28
N PRO A 181 -6.57 3.24 12.40
CA PRO A 181 -6.95 1.93 12.92
C PRO A 181 -6.96 0.73 11.98
N GLU A 182 -6.41 0.84 10.78
CA GLU A 182 -6.33 -0.31 9.93
C GLU A 182 -5.30 -1.21 10.59
N VAL A 183 -5.17 -2.42 10.08
CA VAL A 183 -4.30 -3.43 10.68
C VAL A 183 -3.15 -3.89 9.80
N ALA A 184 -3.03 -3.45 8.54
CA ALA A 184 -1.93 -3.83 7.67
C ALA A 184 -1.73 -2.82 6.55
N ILE A 185 -0.60 -2.78 5.83
CA ILE A 185 -0.33 -1.86 4.72
C ILE A 185 0.68 -2.55 3.81
N LEU A 186 0.58 -2.47 2.50
CA LEU A 186 1.47 -3.21 1.63
C LEU A 186 2.44 -2.17 1.13
N GLY A 187 3.75 -2.36 1.22
CA GLY A 187 4.65 -1.49 0.51
C GLY A 187 5.09 -2.22 -0.75
N VAL A 188 5.29 -1.51 -1.85
CA VAL A 188 5.66 -2.13 -3.11
C VAL A 188 6.86 -1.38 -3.59
N SER A 189 7.96 -2.09 -3.81
CA SER A 189 9.13 -1.39 -4.28
C SER A 189 9.37 -1.74 -5.72
N LYS A 190 10.55 -1.56 -6.24
CA LYS A 190 10.78 -1.62 -7.65
C LYS A 190 11.01 -3.01 -8.19
N ALA A 191 10.41 -3.38 -9.33
CA ALA A 191 10.56 -4.71 -9.90
C ALA A 191 11.86 -4.76 -10.64
N SER A 192 12.56 -5.88 -10.53
CA SER A 192 13.78 -6.06 -11.26
C SER A 192 13.87 -7.52 -11.71
N MET A 193 14.67 -7.76 -12.74
CA MET A 193 14.82 -9.08 -13.33
C MET A 193 15.67 -9.96 -12.46
N GLN A 194 15.33 -11.22 -12.21
CA GLN A 194 16.06 -12.01 -11.25
C GLN A 194 16.14 -13.44 -11.69
N PRO A 195 17.16 -14.16 -11.27
CA PRO A 195 17.26 -15.56 -11.50
C PRO A 195 16.51 -16.27 -10.45
N VAL A 196 15.66 -17.08 -11.00
CA VAL A 196 14.80 -17.89 -10.20
C VAL A 196 15.03 -19.32 -10.61
N TRP A 197 15.17 -20.17 -9.62
CA TRP A 197 15.51 -21.55 -9.87
C TRP A 197 14.30 -22.28 -10.37
N ASP A 198 14.40 -22.98 -11.47
CA ASP A 198 13.24 -23.71 -11.96
C ASP A 198 13.29 -25.21 -11.69
N GLY A 199 14.16 -25.79 -10.87
CA GLY A 199 14.24 -27.23 -10.69
C GLY A 199 15.53 -27.70 -11.32
N LYS A 200 15.98 -27.01 -12.38
CA LYS A 200 17.14 -27.39 -13.17
C LYS A 200 18.14 -26.28 -13.38
N ALA A 201 17.68 -25.07 -13.64
CA ALA A 201 18.51 -23.92 -13.97
C ALA A 201 17.79 -22.64 -13.55
N PHE A 202 18.51 -21.56 -13.60
CA PHE A 202 17.96 -20.30 -13.19
C PHE A 202 17.39 -19.64 -14.42
N GLN A 203 16.16 -19.12 -14.37
CA GLN A 203 15.43 -18.43 -15.44
C GLN A 203 15.26 -16.98 -14.99
N PRO A 204 15.38 -15.97 -15.84
CA PRO A 204 15.13 -14.60 -15.48
C PRO A 204 13.65 -14.39 -15.35
N ARG A 205 13.21 -13.93 -14.22
CA ARG A 205 11.81 -13.71 -14.00
C ARG A 205 11.76 -12.29 -13.49
N LEU A 206 10.69 -11.54 -13.78
CA LEU A 206 10.56 -10.18 -13.31
C LEU A 206 9.91 -10.28 -11.94
N MET A 207 10.65 -9.90 -10.89
CA MET A 207 10.20 -10.03 -9.50
C MET A 207 9.74 -8.73 -8.87
N LEU A 208 8.61 -8.63 -8.22
CA LEU A 208 8.09 -7.42 -7.61
C LEU A 208 8.36 -7.52 -6.12
N PRO A 209 8.96 -6.59 -5.42
CA PRO A 209 9.18 -6.69 -3.99
C PRO A 209 8.00 -6.23 -3.14
N LEU A 210 7.45 -7.03 -2.23
CA LEU A 210 6.30 -6.65 -1.41
C LEU A 210 6.71 -6.50 0.04
N SER A 211 6.23 -5.54 0.83
CA SER A 211 6.63 -5.46 2.23
C SER A 211 5.37 -5.31 3.02
N LEU A 212 4.81 -6.31 3.65
CA LEU A 212 3.58 -6.13 4.37
C LEU A 212 3.84 -5.76 5.81
N SER A 213 3.52 -4.58 6.34
CA SER A 213 3.62 -4.36 7.77
C SER A 213 2.27 -4.65 8.42
N TYR A 214 2.19 -5.23 9.61
CA TYR A 214 0.92 -5.52 10.24
C TYR A 214 0.95 -5.28 11.72
N ASP A 215 -0.26 -5.20 12.28
CA ASP A 215 -0.45 -4.96 13.70
C ASP A 215 -0.42 -6.32 14.34
N HIS A 216 0.70 -6.65 14.99
CA HIS A 216 0.84 -7.99 15.49
C HIS A 216 -0.10 -8.36 16.64
N ARG A 217 -0.81 -7.41 17.26
CA ARG A 217 -1.79 -7.71 18.30
C ARG A 217 -2.96 -8.49 17.71
N VAL A 218 -3.24 -8.15 16.47
CA VAL A 218 -4.37 -8.62 15.73
C VAL A 218 -3.88 -9.66 14.74
N ILE A 219 -2.74 -9.54 14.04
CA ILE A 219 -2.34 -10.58 13.09
C ILE A 219 -1.09 -11.26 13.54
N ASN A 220 -1.04 -12.58 13.58
CA ASN A 220 0.13 -13.35 13.95
C ASN A 220 0.99 -13.60 12.74
N GLY A 221 2.21 -14.00 13.01
CA GLY A 221 3.20 -14.17 11.98
C GLY A 221 2.76 -15.14 10.93
N ALA A 222 2.18 -16.27 11.27
CA ALA A 222 1.77 -17.17 10.19
C ALA A 222 0.63 -16.62 9.38
N ALA A 223 -0.31 -15.82 9.86
CA ALA A 223 -1.38 -15.34 9.02
C ALA A 223 -0.84 -14.40 7.99
N ALA A 224 0.20 -13.64 8.36
CA ALA A 224 0.76 -12.68 7.45
C ALA A 224 1.70 -13.29 6.46
N ALA A 225 2.41 -14.39 6.78
CA ALA A 225 3.28 -15.03 5.79
C ALA A 225 2.42 -15.69 4.76
N ARG A 226 1.22 -16.14 5.17
CA ARG A 226 0.18 -16.69 4.30
C ARG A 226 -0.47 -15.59 3.47
N PHE A 227 -0.70 -14.38 3.97
CA PHE A 227 -1.20 -13.32 3.13
C PHE A 227 -0.18 -13.01 2.04
N THR A 228 1.11 -12.79 2.29
CA THR A 228 2.03 -12.42 1.23
C THR A 228 2.20 -13.55 0.25
N LYS A 229 2.14 -14.80 0.73
CA LYS A 229 2.22 -15.96 -0.12
C LYS A 229 1.03 -16.02 -1.08
N ARG A 230 -0.22 -15.91 -0.60
CA ARG A 230 -1.35 -15.91 -1.47
C ARG A 230 -1.23 -14.76 -2.43
N LEU A 231 -0.85 -13.56 -2.03
CA LEU A 231 -0.73 -12.45 -2.95
C LEU A 231 0.31 -12.72 -4.04
N GLY A 232 1.43 -13.32 -3.70
CA GLY A 232 2.44 -13.65 -4.66
C GLY A 232 1.89 -14.64 -5.67
N ASP A 233 1.09 -15.60 -5.20
CA ASP A 233 0.42 -16.58 -6.04
C ASP A 233 -0.60 -15.93 -6.95
N LEU A 234 -1.39 -14.98 -6.47
CA LEU A 234 -2.38 -14.32 -7.28
C LEU A 234 -1.74 -13.48 -8.33
N LEU A 235 -0.73 -12.69 -8.02
CA LEU A 235 -0.07 -11.85 -9.02
C LEU A 235 0.68 -12.66 -10.08
N ALA A 236 1.15 -13.82 -9.71
CA ALA A 236 1.78 -14.70 -10.69
C ALA A 236 0.72 -15.26 -11.63
N ASP A 237 -0.58 -15.43 -11.28
CA ASP A 237 -1.60 -15.79 -12.23
C ASP A 237 -2.91 -15.21 -11.80
N ILE A 238 -3.12 -13.98 -12.22
CA ILE A 238 -4.29 -13.20 -11.88
C ILE A 238 -5.61 -13.80 -12.35
N ARG A 239 -5.63 -14.83 -13.18
CA ARG A 239 -6.84 -15.53 -13.58
C ARG A 239 -7.38 -16.31 -12.42
N ALA A 240 -6.61 -16.53 -11.37
CA ALA A 240 -7.10 -17.29 -10.23
C ALA A 240 -8.18 -16.49 -9.48
N ILE A 241 -8.30 -15.21 -9.79
CA ILE A 241 -9.33 -14.35 -9.25
C ILE A 241 -10.72 -14.65 -9.84
N LEU A 242 -10.71 -15.43 -10.92
CA LEU A 242 -11.89 -15.78 -11.70
C LEU A 242 -12.59 -16.96 -11.11
N LEU A 243 -11.81 -17.65 -10.29
CA LEU A 243 -12.19 -18.93 -9.79
C LEU A 243 -13.31 -18.80 -8.77
N1A CAO B . 12.51 -23.45 4.49
C2A CAO B . 11.83 -24.17 3.60
N3A CAO B . 10.98 -25.13 3.92
C4A CAO B . 10.79 -25.43 5.21
C5A CAO B . 11.48 -24.70 6.13
C6A CAO B . 12.35 -23.66 5.80
N6A CAO B . 12.90 -22.89 6.74
N7A CAO B . 11.28 -25.12 7.37
C8A CAO B . 10.44 -26.14 7.21
N9A CAO B . 10.14 -26.36 5.91
C1B CAO B . 9.52 -27.58 5.35
C2B CAO B . 9.68 -28.79 6.27
O2B CAO B . 10.98 -29.42 6.37
C3B CAO B . 8.54 -29.64 5.78
O3B CAO B . 8.86 -30.28 4.56
P3B CAO B . 8.13 -31.69 4.19
O7A CAO B . 6.72 -31.58 4.68
O8A CAO B . 9.00 -32.68 4.90
O9A CAO B . 8.21 -31.72 2.71
C4B CAO B . 7.42 -28.62 5.58
O4B CAO B . 8.09 -27.41 5.17
C5B CAO B . 6.62 -28.42 6.87
O5B CAO B . 7.43 -28.10 8.01
P1A CAO B . 7.43 -28.98 9.37
O1A CAO B . 6.28 -28.51 10.16
O2A CAO B . 7.55 -30.42 9.07
O3A CAO B . 8.82 -28.56 10.05
P2A CAO B . 9.23 -27.69 11.30
O4A CAO B . 10.71 -27.62 11.35
O5A CAO B . 8.40 -26.47 11.34
O6A CAO B . 8.67 -28.63 12.46
CBP CAO B . 7.82 -29.29 14.65
CCP CAO B . 8.38 -28.16 13.78
CDP CAO B . 8.93 -30.31 14.91
CEP CAO B . 7.42 -28.71 16.01
CAP CAO B . 6.65 -29.96 13.87
OAP CAO B . 6.18 -31.20 14.43
C9P CAO B . 5.40 -29.09 13.76
O9P CAO B . 4.51 -29.07 14.61
N8P CAO B . 5.36 -28.39 12.62
C7P CAO B . 4.33 -27.40 12.25
C6P CAO B . 4.92 -26.03 11.90
C5P CAO B . 5.44 -25.24 13.11
O5P CAO B . 4.61 -24.87 13.94
N4P CAO B . 6.74 -24.96 13.26
C3P CAO B . 7.18 -24.25 14.45
C2P CAO B . 8.65 -23.93 14.41
S1P CAO B . 8.98 -22.41 15.35
S1 DTT C . 6.27 -14.07 16.89
C1 DTT C . 6.88 -15.08 18.31
C2 DTT C . 7.57 -14.34 19.46
O2 DTT C . 7.62 -15.22 20.57
C3 DTT C . 6.76 -13.11 19.95
O3 DTT C . 7.45 -12.74 21.13
C4 DTT C . 6.92 -11.89 19.02
S4 DTT C . 6.96 -12.13 17.19
#